data_4EH1
#
_entry.id   4EH1
#
_cell.length_a   93.329
_cell.length_b   93.329
_cell.length_c   112.594
_cell.angle_alpha   90.00
_cell.angle_beta   90.00
_cell.angle_gamma   120.00
#
_symmetry.space_group_name_H-M   'P 31 2 1'
#
loop_
_entity.id
_entity.type
_entity.pdbx_description
1 polymer Flavohemoprotein
2 non-polymer 'FLAVIN-ADENINE DINUCLEOTIDE'
3 non-polymer 'CHLORIDE ION'
4 non-polymer 'SULFATE ION'
5 non-polymer GLYCEROL
6 water water
#
_entity_poly.entity_id   1
_entity_poly.type   'polypeptide(L)'
_entity_poly.pdbx_seq_one_letter_code
;RDGRTFVVREKQVESAYVTSFVLVPADGGAVLDYQPGQYIGIEVTPEGSDYREIRQYSLSHASNGREYRISVKREGVGSD
NPGLVSHYLHNNVKVGDSVKLYAPAGDFFYVERERPVVLISAGVGATPMQAILHTLAKQNKSGVTYLYACNSAKEHTFAQ
ETAQLIAQQGWMQQVWYRDESADDVLQGEMQLAELILPIEDGDFYLCGPIGFMQYVVKQLLALGVDKARIHYEVFGPHAQ
LAA
;
_entity_poly.pdbx_strand_id   A,B
#
loop_
_chem_comp.id
_chem_comp.type
_chem_comp.name
_chem_comp.formula
CL non-polymer 'CHLORIDE ION' 'Cl -1'
FAD non-polymer 'FLAVIN-ADENINE DINUCLEOTIDE' 'C27 H33 N9 O15 P2'
GOL non-polymer GLYCEROL 'C3 H8 O3'
SO4 non-polymer 'SULFATE ION' 'O4 S -2'
#
# COMPACT_ATOMS: atom_id res chain seq x y z
N ARG A 1 1.79 -4.11 31.38
CA ARG A 1 1.54 -5.21 30.44
C ARG A 1 1.45 -4.76 28.97
N ASP A 2 1.83 -5.65 28.05
CA ASP A 2 1.29 -5.67 26.67
C ASP A 2 0.66 -7.03 26.33
N GLY A 3 -0.34 -7.00 25.43
CA GLY A 3 -1.03 -8.19 24.95
C GLY A 3 -0.19 -9.20 24.19
N ARG A 4 0.07 -8.96 22.88
CA ARG A 4 0.74 -9.96 22.01
C ARG A 4 1.37 -9.40 20.72
N THR A 5 2.51 -9.95 20.30
CA THR A 5 3.22 -9.41 19.15
C THR A 5 2.67 -9.92 17.81
N PHE A 6 2.33 -9.01 16.91
CA PHE A 6 1.88 -9.40 15.58
C PHE A 6 2.81 -8.82 14.55
N VAL A 7 2.75 -9.37 13.33
CA VAL A 7 3.57 -8.91 12.23
C VAL A 7 2.65 -8.47 11.09
N VAL A 8 2.98 -7.34 10.49
CA VAL A 8 2.27 -6.84 9.32
C VAL A 8 2.61 -7.75 8.14
N ARG A 9 1.62 -8.48 7.63
CA ARG A 9 1.79 -9.28 6.41
C ARG A 9 1.50 -8.45 5.15
N GLU A 10 0.60 -7.48 5.29
CA GLU A 10 0.11 -6.71 4.14
C GLU A 10 -0.25 -5.32 4.58
N LYS A 11 0.01 -4.35 3.71
CA LYS A 11 -0.29 -2.93 3.93
C LYS A 11 -0.91 -2.37 2.65
N GLN A 12 -2.22 -2.23 2.63
N GLN A 12 -2.22 -2.32 2.59
CA GLN A 12 -2.94 -1.93 1.41
CA GLN A 12 -2.92 -1.91 1.39
C GLN A 12 -3.69 -0.60 1.49
C GLN A 12 -3.56 -0.54 1.56
N VAL A 13 -3.42 0.30 0.54
CA VAL A 13 -4.08 1.58 0.53
C VAL A 13 -5.53 1.39 0.19
N GLU A 14 -6.41 1.85 1.07
CA GLU A 14 -7.83 1.74 0.78
C GLU A 14 -8.41 3.01 0.16
N SER A 15 -7.90 4.18 0.55
CA SER A 15 -8.38 5.45 -0.01
C SER A 15 -7.35 6.48 0.36
N ALA A 16 -7.58 7.75 0.03
CA ALA A 16 -6.57 8.81 0.26
C ALA A 16 -5.98 8.78 1.68
N TYR A 17 -6.79 8.56 2.69
CA TYR A 17 -6.24 8.66 4.05
C TYR A 17 -6.32 7.35 4.85
N VAL A 18 -6.90 6.32 4.24
CA VAL A 18 -7.08 5.06 4.94
C VAL A 18 -6.21 3.96 4.33
N THR A 19 -5.47 3.30 5.20
CA THR A 19 -4.61 2.21 4.83
C THR A 19 -4.91 0.98 5.70
N SER A 20 -5.04 -0.20 5.07
CA SER A 20 -5.32 -1.42 5.83
C SER A 20 -4.01 -2.13 6.23
N PHE A 21 -4.05 -2.86 7.33
CA PHE A 21 -2.93 -3.71 7.76
C PHE A 21 -3.47 -5.10 8.05
N VAL A 22 -2.88 -6.09 7.41
CA VAL A 22 -3.18 -7.47 7.73
C VAL A 22 -2.11 -7.98 8.68
N LEU A 23 -2.54 -8.43 9.86
CA LEU A 23 -1.62 -8.78 10.92
C LEU A 23 -1.69 -10.25 11.29
N VAL A 24 -0.54 -10.88 11.44
CA VAL A 24 -0.49 -12.26 11.88
C VAL A 24 0.37 -12.39 13.15
N PRO A 25 0.01 -13.32 14.03
CA PRO A 25 0.76 -13.40 15.29
C PRO A 25 2.20 -13.77 15.02
N ALA A 26 3.16 -13.16 15.69
CA ALA A 26 4.55 -13.60 15.54
C ALA A 26 4.73 -15.04 16.04
N ASP A 27 3.80 -15.53 16.88
CA ASP A 27 3.83 -16.92 17.35
C ASP A 27 3.60 -17.91 16.23
N GLY A 28 2.58 -17.65 15.42
CA GLY A 28 1.98 -18.67 14.58
C GLY A 28 0.71 -19.07 15.31
N GLY A 29 -0.06 -19.98 14.74
CA GLY A 29 -1.22 -20.51 15.43
C GLY A 29 -2.43 -19.57 15.42
N ALA A 30 -3.51 -20.00 16.06
CA ALA A 30 -4.77 -19.29 15.98
C ALA A 30 -4.72 -17.93 16.66
N VAL A 31 -5.60 -17.04 16.20
CA VAL A 31 -5.83 -15.79 16.87
C VAL A 31 -7.23 -15.89 17.41
N LEU A 32 -7.56 -15.08 18.40
CA LEU A 32 -8.88 -15.17 19.01
C LEU A 32 -10.01 -14.85 18.01
N ASP A 33 -11.11 -15.60 18.13
CA ASP A 33 -12.36 -15.33 17.40
C ASP A 33 -12.92 -13.95 17.82
N TYR A 34 -13.82 -13.40 17.02
CA TYR A 34 -14.51 -12.19 17.42
C TYR A 34 -15.83 -12.07 16.67
N GLN A 35 -16.66 -11.14 17.11
CA GLN A 35 -17.88 -10.78 16.41
C GLN A 35 -17.65 -9.55 15.49
N PRO A 36 -18.19 -9.60 14.26
CA PRO A 36 -17.96 -8.50 13.29
C PRO A 36 -18.55 -7.22 13.86
N GLY A 37 -17.70 -6.20 13.98
CA GLY A 37 -18.09 -4.98 14.68
C GLY A 37 -17.12 -4.68 15.81
N GLN A 38 -16.47 -5.73 16.34
CA GLN A 38 -15.54 -5.53 17.46
C GLN A 38 -14.20 -4.98 17.01
N TYR A 39 -13.39 -4.54 17.97
CA TYR A 39 -12.10 -3.90 17.65
C TYR A 39 -10.97 -4.53 18.46
N ILE A 40 -9.76 -4.41 17.96
CA ILE A 40 -8.59 -4.78 18.73
C ILE A 40 -7.90 -3.50 19.17
N GLY A 41 -6.82 -3.67 19.92
CA GLY A 41 -6.00 -2.57 20.36
C GLY A 41 -4.63 -2.64 19.72
N ILE A 42 -4.10 -1.50 19.28
CA ILE A 42 -2.75 -1.45 18.77
C ILE A 42 -1.90 -0.56 19.69
N GLU A 43 -0.69 -1.01 20.00
CA GLU A 43 0.20 -0.23 20.85
C GLU A 43 1.56 -0.05 20.20
N VAL A 44 2.01 1.20 20.16
CA VAL A 44 3.31 1.49 19.58
C VAL A 44 3.99 2.54 20.38
N THR A 45 5.23 2.83 20.00
CA THR A 45 6.05 3.86 20.61
C THR A 45 6.53 4.75 19.47
N PRO A 46 5.88 5.91 19.33
CA PRO A 46 6.19 6.80 18.21
C PRO A 46 7.61 7.37 18.24
N GLU A 47 8.07 7.87 17.09
CA GLU A 47 9.43 8.41 16.93
C GLU A 47 9.85 9.40 18.04
N GLY A 48 8.87 10.10 18.61
CA GLY A 48 9.06 10.80 19.89
C GLY A 48 8.98 9.74 20.98
N SER A 49 10.13 9.11 21.25
CA SER A 49 10.16 7.76 21.78
C SER A 49 10.02 7.58 23.29
N ASP A 50 9.41 8.52 24.00
CA ASP A 50 9.30 8.34 25.44
C ASP A 50 8.30 7.24 25.82
N TYR A 51 7.04 7.42 25.45
CA TYR A 51 5.97 6.60 26.00
C TYR A 51 5.22 5.83 24.92
N ARG A 52 4.69 4.67 25.29
CA ARG A 52 3.82 3.91 24.42
C ARG A 52 2.43 4.55 24.34
N GLU A 53 1.76 4.30 23.23
CA GLU A 53 0.41 4.80 23.01
C GLU A 53 -0.45 3.64 22.52
N ILE A 54 -1.67 3.56 23.04
N ILE A 54 -1.68 3.58 23.03
CA ILE A 54 -2.60 2.52 22.64
CA ILE A 54 -2.61 2.52 22.69
C ILE A 54 -3.86 3.13 22.06
C ILE A 54 -3.89 3.11 22.08
N ARG A 55 -4.33 2.53 20.98
CA ARG A 55 -5.54 2.93 20.28
C ARG A 55 -6.37 1.72 19.86
N GLN A 56 -7.69 1.91 19.90
CA GLN A 56 -8.64 0.94 19.35
C GLN A 56 -8.67 1.02 17.84
N TYR A 57 -8.59 -0.14 17.17
CA TYR A 57 -8.88 -0.21 15.72
C TYR A 57 -9.82 -1.38 15.42
N SER A 58 -10.84 -1.11 14.61
CA SER A 58 -11.88 -2.06 14.31
C SER A 58 -11.37 -3.11 13.36
N LEU A 59 -11.76 -4.37 13.58
CA LEU A 59 -11.50 -5.40 12.58
C LEU A 59 -12.33 -5.10 11.31
N SER A 60 -11.73 -5.17 10.12
CA SER A 60 -12.45 -4.84 8.90
C SER A 60 -12.59 -6.01 7.93
N HIS A 61 -12.32 -7.20 8.41
CA HIS A 61 -12.67 -8.42 7.69
C HIS A 61 -13.39 -9.41 8.61
N ALA A 62 -13.99 -10.46 8.05
CA ALA A 62 -14.59 -11.56 8.82
C ALA A 62 -13.56 -12.35 9.65
N SER A 63 -14.00 -12.89 10.79
CA SER A 63 -13.11 -13.70 11.62
C SER A 63 -12.79 -15.04 10.92
N ASN A 64 -11.52 -15.45 10.93
CA ASN A 64 -11.14 -16.72 10.31
C ASN A 64 -10.09 -17.49 11.10
N GLY A 65 -9.76 -17.00 12.28
CA GLY A 65 -8.85 -17.71 13.16
C GLY A 65 -7.38 -17.65 12.81
N ARG A 66 -7.01 -16.87 11.80
CA ARG A 66 -5.62 -16.91 11.32
C ARG A 66 -4.97 -15.54 11.29
N GLU A 67 -5.71 -14.55 10.83
CA GLU A 67 -5.14 -13.21 10.76
C GLU A 67 -6.19 -12.14 10.96
N TYR A 68 -5.73 -10.94 11.28
CA TYR A 68 -6.62 -9.80 11.47
C TYR A 68 -6.34 -8.74 10.40
N ARG A 69 -7.39 -8.10 9.92
CA ARG A 69 -7.20 -6.88 9.15
C ARG A 69 -7.83 -5.68 9.91
N ILE A 70 -7.05 -4.60 10.03
CA ILE A 70 -7.59 -3.33 10.50
C ILE A 70 -7.36 -2.27 9.43
N SER A 71 -8.09 -1.17 9.52
CA SER A 71 -8.03 -0.11 8.51
C SER A 71 -7.99 1.23 9.22
N VAL A 72 -6.92 1.97 8.95
CA VAL A 72 -6.50 3.05 9.80
C VAL A 72 -6.49 4.39 9.04
N LYS A 73 -7.27 5.33 9.54
CA LYS A 73 -7.29 6.65 8.93
C LYS A 73 -6.18 7.56 9.50
N ARG A 74 -5.34 8.08 8.61
N ARG A 74 -5.23 8.01 8.70
CA ARG A 74 -4.38 9.13 8.93
CA ARG A 74 -4.38 9.18 8.96
C ARG A 74 -5.16 10.31 9.52
C ARG A 74 -5.13 10.37 9.53
N GLU A 75 -5.12 10.50 10.85
CA GLU A 75 -5.95 11.55 11.44
C GLU A 75 -5.25 12.92 11.50
N GLY A 76 -6.04 13.98 11.37
CA GLY A 76 -5.52 15.33 11.55
C GLY A 76 -4.52 15.75 10.49
N VAL A 77 -4.72 15.27 9.26
CA VAL A 77 -3.83 15.71 8.18
C VAL A 77 -4.05 17.21 7.93
N GLY A 78 -2.95 17.96 7.88
CA GLY A 78 -3.04 19.38 7.59
C GLY A 78 -3.17 20.20 8.85
N SER A 79 -3.29 19.52 9.98
CA SER A 79 -3.48 20.19 11.27
C SER A 79 -2.15 20.44 11.98
N ASP A 80 -2.21 21.23 13.05
CA ASP A 80 -1.09 21.40 13.96
C ASP A 80 -0.77 20.10 14.73
N ASN A 81 -1.75 19.21 14.86
CA ASN A 81 -1.50 18.00 15.65
C ASN A 81 -1.88 16.73 14.91
N PRO A 82 -1.04 16.35 13.93
CA PRO A 82 -1.38 15.11 13.21
C PRO A 82 -1.40 13.94 14.20
N GLY A 83 -2.37 13.03 14.06
CA GLY A 83 -2.60 12.03 15.10
C GLY A 83 -1.39 11.13 15.19
N LEU A 84 -0.92 10.94 16.41
CA LEU A 84 0.35 10.27 16.68
C LEU A 84 0.41 8.83 16.21
N VAL A 85 -0.54 8.01 16.65
CA VAL A 85 -0.51 6.59 16.34
C VAL A 85 -0.85 6.34 14.89
N SER A 86 -1.86 7.05 14.38
CA SER A 86 -2.28 6.83 12.98
C SER A 86 -1.13 7.19 12.02
N HIS A 87 -0.40 8.26 12.32
CA HIS A 87 0.69 8.66 11.42
C HIS A 87 1.84 7.70 11.58
N TYR A 88 2.03 7.20 12.80
CA TYR A 88 3.12 6.29 13.03
C TYR A 88 2.97 5.02 12.22
N LEU A 89 1.76 4.46 12.23
CA LEU A 89 1.39 3.26 11.49
C LEU A 89 1.57 3.46 9.99
N HIS A 90 0.92 4.50 9.44
CA HIS A 90 1.06 4.87 8.04
C HIS A 90 2.53 5.07 7.64
N ASN A 91 3.27 5.87 8.39
CA ASN A 91 4.62 6.26 7.96
C ASN A 91 5.75 5.33 8.31
N ASN A 92 5.63 4.61 9.42
CA ASN A 92 6.80 3.91 9.96
C ASN A 92 6.65 2.41 10.02
N VAL A 93 5.42 1.92 10.14
CA VAL A 93 5.24 0.50 10.32
C VAL A 93 5.09 -0.21 8.97
N LYS A 94 6.18 -0.83 8.50
CA LYS A 94 6.19 -1.49 7.20
C LYS A 94 5.74 -2.96 7.23
N VAL A 95 5.43 -3.50 6.05
CA VAL A 95 5.32 -4.93 5.88
C VAL A 95 6.58 -5.61 6.43
N GLY A 96 6.38 -6.57 7.34
CA GLY A 96 7.50 -7.26 7.97
C GLY A 96 7.77 -6.65 9.34
N ASP A 97 7.29 -5.43 9.60
CA ASP A 97 7.54 -4.82 10.90
C ASP A 97 6.55 -5.40 11.88
N SER A 98 6.79 -5.21 13.17
CA SER A 98 5.87 -5.75 14.18
C SER A 98 5.24 -4.70 15.11
N VAL A 99 4.10 -5.05 15.69
CA VAL A 99 3.39 -4.18 16.62
C VAL A 99 2.86 -5.02 17.74
N LYS A 100 2.40 -4.37 18.80
CA LYS A 100 1.81 -5.10 19.91
C LYS A 100 0.31 -4.92 19.82
N LEU A 101 -0.41 -6.03 19.96
CA LEU A 101 -1.83 -6.08 19.67
C LEU A 101 -2.64 -6.68 20.82
N TYR A 102 -3.76 -6.04 21.15
CA TYR A 102 -4.62 -6.48 22.25
C TYR A 102 -5.84 -7.11 21.66
N ALA A 103 -6.39 -8.05 22.40
CA ALA A 103 -7.42 -8.99 21.94
C ALA A 103 -8.72 -8.29 21.64
N PRO A 104 -9.56 -8.91 20.80
CA PRO A 104 -10.82 -8.28 20.42
C PRO A 104 -11.77 -7.97 21.59
N ALA A 105 -12.46 -6.85 21.51
CA ALA A 105 -13.41 -6.41 22.54
C ALA A 105 -14.47 -5.52 21.90
N GLY A 106 -15.46 -5.09 22.69
CA GLY A 106 -16.44 -4.14 22.23
C GLY A 106 -17.84 -4.72 22.24
N ASP A 107 -18.81 -3.85 22.50
CA ASP A 107 -20.20 -4.24 22.66
C ASP A 107 -20.99 -4.01 21.40
N PHE A 108 -20.33 -3.47 20.39
CA PHE A 108 -21.01 -3.25 19.13
C PHE A 108 -20.64 -4.35 18.15
N PHE A 109 -21.63 -5.15 17.75
CA PHE A 109 -21.41 -6.20 16.76
C PHE A 109 -22.70 -6.74 16.19
N TYR A 110 -22.60 -7.33 15.01
CA TYR A 110 -23.77 -7.83 14.36
C TYR A 110 -24.30 -9.07 15.10
N VAL A 111 -25.60 -9.12 15.30
CA VAL A 111 -26.22 -10.33 15.87
C VAL A 111 -27.32 -10.78 14.91
N GLU A 112 -27.27 -12.04 14.49
CA GLU A 112 -28.25 -12.58 13.55
C GLU A 112 -29.63 -12.66 14.19
N ARG A 113 -30.57 -11.92 13.62
CA ARG A 113 -31.93 -11.94 14.15
C ARG A 113 -32.96 -12.21 13.06
N GLU A 114 -32.49 -12.61 11.88
CA GLU A 114 -33.37 -12.91 10.75
C GLU A 114 -34.22 -11.73 10.39
N ARG A 115 -33.64 -10.54 10.51
CA ARG A 115 -34.30 -9.32 10.06
C ARG A 115 -33.54 -8.80 8.86
N PRO A 116 -34.19 -7.98 8.04
CA PRO A 116 -33.42 -7.24 7.03
C PRO A 116 -32.42 -6.33 7.74
N VAL A 117 -31.30 -6.06 7.08
CA VAL A 117 -30.19 -5.40 7.73
C VAL A 117 -29.79 -4.13 6.98
N VAL A 118 -29.74 -3.01 7.69
CA VAL A 118 -29.23 -1.78 7.10
C VAL A 118 -27.89 -1.36 7.76
N LEU A 119 -26.85 -1.20 6.94
CA LEU A 119 -25.56 -0.74 7.45
C LEU A 119 -25.38 0.70 6.96
N ILE A 120 -25.06 1.60 7.89
CA ILE A 120 -24.92 3.02 7.61
C ILE A 120 -23.63 3.51 8.25
N SER A 121 -22.79 4.11 7.44
CA SER A 121 -21.56 4.67 7.98
C SER A 121 -21.03 5.82 7.13
N ALA A 122 -20.06 6.55 7.70
CA ALA A 122 -19.39 7.66 7.04
C ALA A 122 -17.89 7.62 7.30
N GLY A 123 -17.12 7.92 6.26
CA GLY A 123 -15.68 8.00 6.43
C GLY A 123 -15.14 6.67 6.92
N VAL A 124 -14.41 6.71 8.02
CA VAL A 124 -13.70 5.53 8.49
C VAL A 124 -14.63 4.64 9.33
N GLY A 125 -15.83 5.16 9.58
CA GLY A 125 -16.92 4.38 10.14
C GLY A 125 -17.19 3.11 9.34
N ALA A 126 -16.77 3.11 8.09
CA ALA A 126 -16.95 1.95 7.22
C ALA A 126 -16.17 0.71 7.68
N THR A 127 -15.10 0.89 8.47
N THR A 127 -15.13 0.89 8.50
CA THR A 127 -14.23 -0.23 8.84
CA THR A 127 -14.23 -0.22 8.85
C THR A 127 -14.98 -1.40 9.52
C THR A 127 -14.93 -1.41 9.57
N PRO A 128 -15.68 -1.16 10.64
CA PRO A 128 -16.41 -2.32 11.20
C PRO A 128 -17.53 -2.83 10.30
N MET A 129 -18.13 -1.95 9.50
CA MET A 129 -19.16 -2.35 8.57
C MET A 129 -18.60 -3.30 7.55
N GLN A 130 -17.34 -3.14 7.22
CA GLN A 130 -16.69 -4.08 6.30
C GLN A 130 -16.57 -5.52 6.87
N ALA A 131 -16.28 -5.64 8.16
CA ALA A 131 -16.22 -6.95 8.82
C ALA A 131 -17.61 -7.56 8.74
N ILE A 132 -18.63 -6.74 8.93
CA ILE A 132 -20.00 -7.23 8.91
C ILE A 132 -20.41 -7.67 7.50
N LEU A 133 -20.15 -6.84 6.49
CA LEU A 133 -20.39 -7.26 5.12
C LEU A 133 -19.74 -8.61 4.81
N HIS A 134 -18.47 -8.75 5.13
CA HIS A 134 -17.79 -10.00 4.81
C HIS A 134 -18.40 -11.21 5.52
N THR A 135 -18.82 -11.01 6.77
CA THR A 135 -19.45 -12.08 7.55
C THR A 135 -20.80 -12.47 6.94
N LEU A 136 -21.60 -11.48 6.57
CA LEU A 136 -22.92 -11.75 6.00
C LEU A 136 -22.78 -12.41 4.63
N ALA A 137 -21.70 -12.09 3.90
CA ALA A 137 -21.47 -12.71 2.60
C ALA A 137 -21.21 -14.20 2.78
N LYS A 138 -20.31 -14.50 3.69
CA LYS A 138 -19.97 -15.85 4.09
C LYS A 138 -21.22 -16.66 4.49
N GLN A 139 -22.15 -16.01 5.18
CA GLN A 139 -23.37 -16.65 5.68
C GLN A 139 -24.53 -16.60 4.70
N ASN A 140 -24.27 -16.11 3.50
CA ASN A 140 -25.31 -15.99 2.48
C ASN A 140 -26.56 -15.25 2.91
N LYS A 141 -26.37 -14.20 3.70
CA LYS A 141 -27.49 -13.45 4.22
C LYS A 141 -28.14 -12.69 3.07
N SER A 142 -29.46 -12.70 3.01
CA SER A 142 -30.12 -11.87 2.03
C SER A 142 -30.76 -10.62 2.72
N GLY A 143 -31.20 -9.65 1.94
CA GLY A 143 -31.83 -8.46 2.49
C GLY A 143 -30.87 -7.50 3.19
N VAL A 144 -29.75 -7.21 2.55
CA VAL A 144 -28.76 -6.28 3.10
C VAL A 144 -28.70 -4.98 2.28
N THR A 145 -28.78 -3.84 2.98
CA THR A 145 -28.61 -2.52 2.37
C THR A 145 -27.39 -1.81 3.00
N TYR A 146 -26.50 -1.31 2.15
CA TYR A 146 -25.32 -0.62 2.62
C TYR A 146 -25.39 0.88 2.25
N LEU A 147 -25.39 1.75 3.24
CA LEU A 147 -25.48 3.19 2.98
C LEU A 147 -24.19 3.85 3.49
N TYR A 148 -23.51 4.57 2.59
CA TYR A 148 -22.17 5.08 2.89
C TYR A 148 -22.02 6.55 2.45
N ALA A 149 -21.44 7.37 3.33
CA ALA A 149 -21.15 8.77 3.02
C ALA A 149 -19.66 9.05 3.18
N CYS A 150 -19.06 9.69 2.18
CA CYS A 150 -17.70 10.12 2.35
C CYS A 150 -17.58 11.46 1.63
N ASN A 151 -16.40 12.07 1.66
CA ASN A 151 -16.28 13.40 1.13
C ASN A 151 -16.22 13.45 -0.40
N SER A 152 -15.60 12.43 -1.00
CA SER A 152 -15.33 12.41 -2.43
C SER A 152 -14.84 11.04 -2.90
N ALA A 153 -14.65 10.92 -4.21
CA ALA A 153 -14.19 9.68 -4.81
C ALA A 153 -12.87 9.24 -4.17
N LYS A 154 -11.93 10.16 -4.00
CA LYS A 154 -10.65 9.75 -3.43
C LYS A 154 -10.73 9.28 -1.97
N GLU A 155 -11.81 9.63 -1.28
CA GLU A 155 -11.92 9.16 0.09
C GLU A 155 -12.93 7.98 0.20
N HIS A 156 -13.26 7.38 -0.93
CA HIS A 156 -14.32 6.39 -0.92
C HIS A 156 -13.74 5.02 -0.48
N THR A 157 -13.66 4.79 0.82
CA THR A 157 -12.98 3.61 1.36
C THR A 157 -13.64 2.29 0.98
N PHE A 158 -12.84 1.31 0.54
CA PHE A 158 -13.33 0.00 0.14
C PHE A 158 -14.21 0.01 -1.10
N ALA A 159 -14.09 1.04 -1.94
CA ALA A 159 -15.05 1.20 -3.05
C ALA A 159 -15.17 -0.12 -3.84
N GLN A 160 -14.02 -0.66 -4.24
CA GLN A 160 -14.00 -1.82 -5.12
C GLN A 160 -14.44 -3.10 -4.40
N GLU A 161 -13.93 -3.29 -3.20
CA GLU A 161 -14.18 -4.50 -2.47
C GLU A 161 -15.67 -4.60 -2.15
N THR A 162 -16.26 -3.47 -1.76
N THR A 162 -16.27 -3.48 -1.73
CA THR A 162 -17.68 -3.44 -1.43
CA THR A 162 -17.71 -3.50 -1.45
C THR A 162 -18.54 -3.67 -2.68
C THR A 162 -18.55 -3.71 -2.70
N ALA A 163 -18.17 -3.06 -3.80
CA ALA A 163 -18.90 -3.20 -5.04
C ALA A 163 -18.95 -4.68 -5.41
N GLN A 164 -17.82 -5.36 -5.26
CA GLN A 164 -17.76 -6.78 -5.60
C GLN A 164 -18.69 -7.61 -4.73
N LEU A 165 -18.65 -7.38 -3.41
CA LEU A 165 -19.53 -8.10 -2.49
C LEU A 165 -20.95 -7.91 -2.87
N ILE A 166 -21.30 -6.64 -3.08
CA ILE A 166 -22.66 -6.32 -3.44
C ILE A 166 -23.06 -7.00 -4.72
N ALA A 167 -22.19 -6.95 -5.72
CA ALA A 167 -22.45 -7.59 -7.00
C ALA A 167 -22.52 -9.10 -6.85
N GLN A 168 -21.85 -9.66 -5.85
CA GLN A 168 -21.86 -11.10 -5.64
C GLN A 168 -23.05 -11.59 -4.84
N GLN A 169 -23.52 -10.79 -3.87
CA GLN A 169 -24.55 -11.23 -2.90
C GLN A 169 -25.98 -10.78 -3.24
N GLY A 170 -26.15 -9.98 -4.30
CA GLY A 170 -27.46 -9.43 -4.60
C GLY A 170 -28.00 -8.44 -3.57
N TRP A 171 -27.11 -7.64 -3.02
CA TRP A 171 -27.46 -6.63 -2.04
C TRP A 171 -27.66 -5.23 -2.65
N MET A 172 -27.99 -4.24 -1.81
CA MET A 172 -28.26 -2.90 -2.31
C MET A 172 -27.27 -1.95 -1.66
N GLN A 173 -26.82 -0.96 -2.42
CA GLN A 173 -26.02 0.09 -1.82
C GLN A 173 -26.36 1.46 -2.41
N GLN A 174 -26.21 2.48 -1.58
CA GLN A 174 -26.25 3.87 -2.05
C GLN A 174 -25.06 4.59 -1.43
N VAL A 175 -24.33 5.33 -2.25
CA VAL A 175 -23.22 6.14 -1.78
C VAL A 175 -23.48 7.67 -1.93
N TRP A 176 -23.05 8.47 -0.95
CA TRP A 176 -23.12 9.93 -1.00
C TRP A 176 -21.70 10.53 -0.94
N TYR A 177 -21.41 11.52 -1.79
CA TYR A 177 -20.14 12.26 -1.73
C TYR A 177 -20.52 13.66 -1.29
N ARG A 178 -19.91 14.11 -0.20
CA ARG A 178 -20.23 15.43 0.34
C ARG A 178 -19.79 16.55 -0.60
N ASP A 179 -18.66 16.37 -1.28
CA ASP A 179 -18.04 17.51 -1.97
C ASP A 179 -18.02 17.48 -3.50
N GLU A 180 -18.54 16.43 -4.11
CA GLU A 180 -18.56 16.41 -5.58
C GLU A 180 -19.65 15.45 -6.06
N SER A 181 -19.94 15.47 -7.34
CA SER A 181 -20.90 14.54 -7.90
C SER A 181 -20.11 13.45 -8.60
N ALA A 182 -20.77 12.33 -8.88
CA ALA A 182 -20.19 11.27 -9.66
C ALA A 182 -21.31 10.35 -10.16
N ASP A 183 -21.00 9.57 -11.19
CA ASP A 183 -21.95 8.66 -11.77
C ASP A 183 -22.44 7.71 -10.68
N ASP A 184 -23.76 7.63 -10.53
CA ASP A 184 -24.40 6.76 -9.54
C ASP A 184 -23.98 7.02 -8.09
N VAL A 185 -23.73 8.28 -7.73
CA VAL A 185 -23.66 8.63 -6.32
C VAL A 185 -24.51 9.87 -6.11
N LEU A 186 -24.98 10.06 -4.90
CA LEU A 186 -25.74 11.27 -4.63
C LEU A 186 -24.79 12.28 -4.02
N GLN A 187 -24.93 13.53 -4.43
CA GLN A 187 -24.10 14.59 -3.90
C GLN A 187 -24.75 15.22 -2.67
N GLY A 188 -24.03 15.31 -1.58
CA GLY A 188 -24.57 16.00 -0.43
C GLY A 188 -24.63 15.15 0.82
N GLU A 189 -25.45 15.57 1.78
CA GLU A 189 -25.62 14.79 2.99
C GLU A 189 -26.56 13.61 2.74
N MET A 190 -26.36 12.57 3.53
CA MET A 190 -27.16 11.37 3.45
C MET A 190 -28.57 11.71 3.91
N GLN A 191 -29.54 11.66 3.01
CA GLN A 191 -30.92 11.90 3.41
C GLN A 191 -31.74 10.65 3.19
N LEU A 192 -32.43 10.21 4.24
CA LEU A 192 -33.03 8.87 4.26
C LEU A 192 -34.52 8.81 3.87
N ALA A 193 -35.18 9.96 3.80
CA ALA A 193 -36.64 10.04 3.74
C ALA A 193 -37.24 9.41 2.51
N GLU A 194 -36.45 9.35 1.45
CA GLU A 194 -36.95 8.97 0.15
C GLU A 194 -36.36 7.62 -0.27
N LEU A 195 -35.67 6.97 0.66
CA LEU A 195 -35.09 5.68 0.35
C LEU A 195 -36.07 4.53 0.62
N ILE A 196 -35.98 3.46 -0.17
CA ILE A 196 -36.71 2.26 0.18
C ILE A 196 -35.95 1.51 1.28
N LEU A 197 -36.53 1.41 2.47
CA LEU A 197 -35.85 0.89 3.65
C LEU A 197 -36.79 0.07 4.54
N PRO A 198 -36.24 -0.93 5.24
CA PRO A 198 -37.10 -1.78 6.10
C PRO A 198 -37.28 -1.12 7.45
N ILE A 199 -37.99 -0.01 7.45
CA ILE A 199 -38.23 0.80 8.64
C ILE A 199 -38.86 -0.04 9.76
N GLU A 200 -39.89 -0.80 9.42
CA GLU A 200 -40.66 -1.51 10.46
C GLU A 200 -39.92 -2.73 11.04
N ASP A 201 -39.20 -3.46 10.19
CA ASP A 201 -38.63 -4.71 10.64
C ASP A 201 -37.11 -4.73 10.70
N GLY A 202 -36.44 -3.80 10.03
CA GLY A 202 -35.00 -3.88 9.90
C GLY A 202 -34.17 -3.65 11.15
N ASP A 203 -32.98 -4.23 11.18
CA ASP A 203 -31.93 -3.84 12.12
C ASP A 203 -31.03 -2.80 11.44
N PHE A 204 -30.84 -1.66 12.11
CA PHE A 204 -30.01 -0.57 11.59
C PHE A 204 -28.72 -0.48 12.38
N TYR A 205 -27.60 -0.74 11.71
CA TYR A 205 -26.29 -0.62 12.33
C TYR A 205 -25.61 0.63 11.79
N LEU A 206 -25.08 1.45 12.68
CA LEU A 206 -24.54 2.76 12.35
C LEU A 206 -23.12 2.95 12.89
N CYS A 207 -22.21 3.49 12.09
CA CYS A 207 -20.88 3.80 12.61
C CYS A 207 -20.26 5.03 11.97
N GLY A 208 -19.75 5.93 12.80
CA GLY A 208 -19.10 7.13 12.29
C GLY A 208 -18.95 8.15 13.40
N PRO A 209 -18.53 9.36 13.04
CA PRO A 209 -18.33 10.46 14.01
C PRO A 209 -19.67 10.83 14.63
N ILE A 210 -19.63 11.40 15.83
CA ILE A 210 -20.84 11.76 16.57
C ILE A 210 -21.81 12.66 15.79
N GLY A 211 -21.30 13.68 15.10
CA GLY A 211 -22.17 14.59 14.35
C GLY A 211 -23.00 13.88 13.30
N PHE A 212 -22.35 13.08 12.48
CA PHE A 212 -23.04 12.20 11.54
C PHE A 212 -23.98 11.22 12.26
N MET A 213 -23.52 10.62 13.34
CA MET A 213 -24.38 9.68 14.06
C MET A 213 -25.70 10.37 14.53
N GLN A 214 -25.58 11.53 15.16
CA GLN A 214 -26.75 12.27 15.63
C GLN A 214 -27.69 12.59 14.48
N TYR A 215 -27.12 13.08 13.39
CA TYR A 215 -27.88 13.36 12.19
C TYR A 215 -28.66 12.13 11.66
N VAL A 216 -28.02 10.97 11.60
CA VAL A 216 -28.70 9.78 11.07
C VAL A 216 -29.73 9.19 12.06
N VAL A 217 -29.35 9.09 13.33
CA VAL A 217 -30.26 8.55 14.33
C VAL A 217 -31.54 9.38 14.41
N LYS A 218 -31.43 10.73 14.40
CA LYS A 218 -32.64 11.57 14.34
C LYS A 218 -33.53 11.29 13.14
N GLN A 219 -32.93 11.15 11.96
CA GLN A 219 -33.70 10.73 10.80
C GLN A 219 -34.38 9.36 11.00
N LEU A 220 -33.64 8.40 11.55
CA LEU A 220 -34.22 7.06 11.76
C LEU A 220 -35.41 7.11 12.71
N LEU A 221 -35.27 7.81 13.82
CA LEU A 221 -36.38 7.93 14.77
C LEU A 221 -37.59 8.64 14.16
N ALA A 222 -37.35 9.75 13.45
CA ALA A 222 -38.45 10.47 12.81
C ALA A 222 -39.20 9.60 11.78
N LEU A 223 -38.49 8.63 11.17
CA LEU A 223 -39.09 7.74 10.17
C LEU A 223 -39.89 6.61 10.84
N GLY A 224 -39.63 6.38 12.12
CA GLY A 224 -40.40 5.42 12.88
C GLY A 224 -39.64 4.17 13.30
N VAL A 225 -38.32 4.18 13.15
CA VAL A 225 -37.52 3.04 13.59
C VAL A 225 -37.46 2.97 15.11
N ASP A 226 -37.80 1.81 15.67
CA ASP A 226 -37.72 1.65 17.12
C ASP A 226 -36.29 1.68 17.59
N LYS A 227 -36.07 2.31 18.73
CA LYS A 227 -34.74 2.54 19.23
C LYS A 227 -34.03 1.21 19.45
N ALA A 228 -34.79 0.19 19.84
CA ALA A 228 -34.23 -1.15 20.08
C ALA A 228 -33.62 -1.78 18.81
N ARG A 229 -33.91 -1.21 17.63
CA ARG A 229 -33.37 -1.74 16.38
C ARG A 229 -32.29 -0.83 15.79
N ILE A 230 -31.80 0.09 16.61
CA ILE A 230 -30.67 0.92 16.20
C ILE A 230 -29.47 0.54 17.00
N HIS A 231 -28.42 0.11 16.31
CA HIS A 231 -27.22 -0.33 16.99
C HIS A 231 -26.08 0.54 16.46
N TYR A 232 -25.19 0.99 17.34
CA TYR A 232 -24.26 2.01 16.87
C TYR A 232 -22.97 1.97 17.61
N GLU A 233 -21.94 2.49 16.96
CA GLU A 233 -20.65 2.71 17.59
C GLU A 233 -20.08 4.06 17.11
N VAL A 234 -19.63 4.88 18.04
CA VAL A 234 -19.06 6.19 17.69
C VAL A 234 -17.55 6.20 17.75
N PHE A 235 -16.93 6.64 16.66
CA PHE A 235 -15.55 7.12 16.68
C PHE A 235 -15.33 8.11 15.54
N GLY A 236 -14.51 9.12 15.78
CA GLY A 236 -14.60 10.34 14.99
C GLY A 236 -13.39 10.86 14.25
N PRO A 237 -13.02 12.13 14.52
CA PRO A 237 -13.67 12.99 15.50
C PRO A 237 -14.75 13.85 14.87
N ASP B 2 -10.22 -1.31 -25.92
CA ASP B 2 -9.03 -0.52 -25.66
C ASP B 2 -8.01 -1.29 -24.82
N GLY B 3 -7.05 -1.90 -25.53
CA GLY B 3 -5.92 -2.60 -24.95
C GLY B 3 -5.06 -1.81 -23.96
N ARG B 4 -5.25 -0.51 -23.90
CA ARG B 4 -4.44 0.29 -23.01
C ARG B 4 -5.06 0.36 -21.62
N THR B 5 -6.34 0.01 -21.50
CA THR B 5 -7.03 0.24 -20.23
C THR B 5 -6.67 -0.86 -19.23
N PHE B 6 -6.07 -0.47 -18.11
CA PHE B 6 -5.72 -1.43 -17.08
C PHE B 6 -6.39 -0.98 -15.79
N VAL B 7 -6.77 -1.93 -14.95
N VAL B 7 -6.78 -1.93 -14.94
CA VAL B 7 -7.36 -1.58 -13.67
CA VAL B 7 -7.38 -1.61 -13.65
C VAL B 7 -6.41 -1.94 -12.52
C VAL B 7 -6.43 -1.96 -12.52
N VAL B 8 -6.47 -1.17 -11.44
CA VAL B 8 -5.57 -1.39 -10.31
C VAL B 8 -6.16 -2.52 -9.47
N ARG B 9 -5.44 -3.63 -9.34
CA ARG B 9 -6.01 -4.74 -8.58
C ARG B 9 -5.51 -4.67 -7.13
N GLU B 10 -4.32 -4.09 -6.93
CA GLU B 10 -3.78 -4.02 -5.55
C GLU B 10 -3.00 -2.73 -5.43
N LYS B 11 -2.94 -2.17 -4.22
CA LYS B 11 -2.16 -0.97 -4.02
C LYS B 11 -1.52 -1.15 -2.64
N GLN B 12 -0.22 -1.41 -2.66
N GLN B 12 -0.25 -1.51 -2.68
CA GLN B 12 0.49 -1.92 -1.51
CA GLN B 12 0.54 -1.90 -1.52
C GLN B 12 1.63 -0.97 -1.09
C GLN B 12 1.49 -0.76 -1.17
N VAL B 13 1.54 -0.40 0.10
CA VAL B 13 2.57 0.51 0.59
C VAL B 13 3.89 -0.24 0.78
N GLU B 14 4.95 0.23 0.13
CA GLU B 14 6.25 -0.42 0.26
C GLU B 14 7.08 0.29 1.29
N SER B 15 7.00 1.61 1.32
CA SER B 15 7.69 2.34 2.37
C SER B 15 7.01 3.67 2.57
N ALA B 16 7.65 4.57 3.33
CA ALA B 16 7.05 5.87 3.67
C ALA B 16 6.54 6.67 2.46
N TYR B 17 7.31 6.63 1.38
CA TYR B 17 7.00 7.44 0.20
C TYR B 17 6.71 6.61 -1.04
N VAL B 18 6.91 5.29 -0.93
CA VAL B 18 6.75 4.43 -2.12
C VAL B 18 5.53 3.50 -2.02
N THR B 19 4.68 3.52 -3.04
CA THR B 19 3.52 2.64 -3.03
C THR B 19 3.47 1.86 -4.34
N SER B 20 3.14 0.57 -4.27
CA SER B 20 3.05 -0.26 -5.47
C SER B 20 1.63 -0.42 -6.04
N PHE B 21 1.54 -0.63 -7.34
CA PHE B 21 0.28 -0.77 -8.02
C PHE B 21 0.37 -2.04 -8.85
N VAL B 22 -0.53 -2.98 -8.60
CA VAL B 22 -0.65 -4.17 -9.43
C VAL B 22 -1.76 -3.91 -10.43
N LEU B 23 -1.45 -4.08 -11.71
CA LEU B 23 -2.33 -3.62 -12.78
C LEU B 23 -2.65 -4.78 -13.69
N VAL B 24 -3.94 -4.88 -14.07
CA VAL B 24 -4.38 -5.94 -14.98
C VAL B 24 -5.24 -5.29 -16.07
N PRO B 25 -5.31 -5.94 -17.25
CA PRO B 25 -6.13 -5.43 -18.35
C PRO B 25 -7.57 -5.40 -17.94
N ALA B 26 -8.32 -4.34 -18.26
CA ALA B 26 -9.74 -4.32 -17.99
C ALA B 26 -10.47 -4.71 -19.25
N ASP B 27 -10.12 -3.98 -20.32
CA ASP B 27 -10.86 -3.92 -21.57
C ASP B 27 -10.24 -4.78 -22.69
N GLY B 28 -9.90 -6.02 -22.39
CA GLY B 28 -9.44 -6.96 -23.39
C GLY B 28 -7.98 -6.80 -23.85
N GLY B 29 -7.23 -5.95 -23.15
CA GLY B 29 -5.79 -5.83 -23.39
C GLY B 29 -5.09 -7.09 -22.89
N ALA B 30 -3.77 -7.06 -22.79
CA ALA B 30 -3.06 -8.28 -22.38
C ALA B 30 -1.73 -7.88 -21.80
N VAL B 31 -1.15 -8.79 -21.02
CA VAL B 31 0.07 -8.46 -20.33
C VAL B 31 1.20 -9.02 -21.18
N LEU B 32 1.95 -8.11 -21.81
CA LEU B 32 3.04 -8.49 -22.71
C LEU B 32 4.29 -8.83 -21.93
N ASP B 33 5.13 -9.67 -22.54
CA ASP B 33 6.38 -10.11 -21.93
C ASP B 33 7.35 -8.94 -21.93
N TYR B 34 8.39 -8.99 -21.08
CA TYR B 34 9.42 -7.95 -21.06
C TYR B 34 10.69 -8.49 -20.39
N GLN B 35 11.80 -7.76 -20.54
CA GLN B 35 13.00 -8.08 -19.75
C GLN B 35 13.10 -7.23 -18.46
N PRO B 36 13.45 -7.85 -17.33
CA PRO B 36 13.51 -7.09 -16.07
C PRO B 36 14.50 -5.90 -16.16
N GLY B 37 14.06 -4.72 -15.72
CA GLY B 37 14.79 -3.47 -15.93
C GLY B 37 13.97 -2.52 -16.80
N GLN B 38 13.13 -3.07 -17.64
CA GLN B 38 12.30 -2.27 -18.53
C GLN B 38 11.13 -1.60 -17.82
N TYR B 39 10.52 -0.66 -18.56
CA TYR B 39 9.45 0.16 -18.02
C TYR B 39 8.17 0.19 -18.88
N ILE B 40 7.06 0.56 -18.27
CA ILE B 40 5.86 0.87 -19.02
C ILE B 40 5.52 2.36 -18.90
N GLY B 41 4.65 2.87 -19.78
CA GLY B 41 4.20 4.23 -19.62
C GLY B 41 2.82 4.19 -18.99
N ILE B 42 2.57 5.07 -18.03
CA ILE B 42 1.25 5.19 -17.40
C ILE B 42 0.64 6.54 -17.70
N GLU B 43 -0.59 6.53 -18.17
CA GLU B 43 -1.28 7.76 -18.50
C GLU B 43 -2.49 7.97 -17.62
N VAL B 44 -2.57 9.14 -16.98
CA VAL B 44 -3.72 9.51 -16.20
C VAL B 44 -4.01 10.98 -16.50
N THR B 45 -5.15 11.46 -16.00
CA THR B 45 -5.56 12.85 -16.18
C THR B 45 -5.76 13.42 -14.78
N PRO B 46 -4.75 14.13 -14.28
CA PRO B 46 -4.73 14.59 -12.87
C PRO B 46 -5.86 15.56 -12.56
N GLU B 47 -6.13 15.76 -11.27
CA GLU B 47 -7.22 16.63 -10.82
C GLU B 47 -6.93 18.07 -11.18
N GLY B 48 -7.98 18.79 -11.59
CA GLY B 48 -7.88 20.16 -12.01
C GLY B 48 -7.34 20.31 -13.42
N SER B 49 -6.42 19.41 -13.79
CA SER B 49 -5.69 19.50 -15.06
C SER B 49 -6.56 19.26 -16.28
N ASP B 50 -6.23 19.96 -17.36
CA ASP B 50 -6.95 19.81 -18.61
C ASP B 50 -6.44 18.57 -19.33
N TYR B 51 -5.20 18.21 -19.07
CA TYR B 51 -4.49 17.35 -19.99
C TYR B 51 -4.20 15.98 -19.44
N ARG B 52 -4.12 15.02 -20.33
CA ARG B 52 -3.57 13.73 -19.95
C ARG B 52 -2.05 13.89 -19.76
N GLU B 53 -1.49 13.08 -18.86
CA GLU B 53 -0.08 13.13 -18.50
C GLU B 53 0.44 11.73 -18.49
N ILE B 54 1.64 11.56 -18.96
CA ILE B 54 2.22 10.25 -19.14
C ILE B 54 3.56 10.26 -18.43
N ARG B 55 3.79 9.25 -17.61
CA ARG B 55 5.06 9.00 -16.95
C ARG B 55 5.46 7.53 -17.09
N GLN B 56 6.76 7.28 -17.09
CA GLN B 56 7.30 5.96 -17.19
C GLN B 56 7.53 5.39 -15.77
N TYR B 57 7.28 4.10 -15.60
CA TYR B 57 7.56 3.45 -14.31
C TYR B 57 8.15 2.06 -14.57
N SER B 58 9.27 1.74 -13.94
CA SER B 58 9.91 0.46 -14.12
C SER B 58 8.97 -0.65 -13.60
N LEU B 59 8.89 -1.77 -14.31
CA LEU B 59 8.24 -2.95 -13.73
C LEU B 59 9.04 -3.35 -12.49
N SER B 60 8.35 -3.71 -11.40
CA SER B 60 9.07 -3.99 -10.17
C SER B 60 8.94 -5.47 -9.74
N HIS B 61 8.44 -6.31 -10.65
CA HIS B 61 8.37 -7.73 -10.39
C HIS B 61 8.68 -8.42 -11.71
N ALA B 62 8.76 -9.75 -11.67
CA ALA B 62 9.10 -10.57 -12.83
C ALA B 62 7.91 -10.72 -13.76
N SER B 63 8.22 -10.84 -15.04
CA SER B 63 7.22 -10.97 -16.05
C SER B 63 6.48 -12.31 -15.92
N ASN B 64 5.15 -12.27 -15.85
CA ASN B 64 4.38 -13.52 -15.76
C ASN B 64 3.19 -13.61 -16.69
N GLY B 65 2.96 -12.56 -17.46
CA GLY B 65 1.88 -12.57 -18.42
C GLY B 65 0.49 -12.34 -17.85
N ARG B 66 0.40 -12.00 -16.58
CA ARG B 66 -0.91 -11.94 -15.92
C ARG B 66 -1.14 -10.55 -15.38
N GLU B 67 -0.10 -9.97 -14.80
CA GLU B 67 -0.21 -8.66 -14.18
C GLU B 67 1.14 -7.93 -14.17
N TYR B 68 1.06 -6.60 -14.07
CA TYR B 68 2.25 -5.77 -13.97
C TYR B 68 2.30 -5.19 -12.57
N ARG B 69 3.50 -4.98 -12.04
CA ARG B 69 3.63 -4.22 -10.81
C ARG B 69 4.59 -3.10 -11.05
N ILE B 70 4.21 -1.92 -10.60
CA ILE B 70 5.12 -0.76 -10.62
C ILE B 70 5.11 -0.19 -9.21
N SER B 71 6.14 0.57 -8.89
CA SER B 71 6.24 1.09 -7.53
C SER B 71 6.64 2.58 -7.62
N VAL B 72 5.77 3.43 -7.11
CA VAL B 72 5.80 4.88 -7.35
C VAL B 72 6.14 5.64 -6.08
N LYS B 73 7.22 6.39 -6.15
CA LYS B 73 7.59 7.36 -5.10
C LYS B 73 6.73 8.62 -5.20
N ARG B 74 6.20 9.06 -4.08
CA ARG B 74 5.53 10.36 -3.96
C ARG B 74 6.61 11.43 -4.15
N GLU B 75 6.64 12.09 -5.30
CA GLU B 75 7.72 13.03 -5.61
C GLU B 75 7.48 14.45 -5.08
N GLY B 76 8.52 15.08 -4.56
CA GLY B 76 8.43 16.45 -4.10
C GLY B 76 7.47 16.60 -2.93
N VAL B 77 7.45 15.58 -2.08
CA VAL B 77 6.60 15.57 -0.88
C VAL B 77 6.85 16.75 0.02
N GLY B 78 5.77 17.32 0.56
CA GLY B 78 5.83 18.48 1.43
C GLY B 78 6.69 19.61 0.90
N SER B 79 6.66 19.82 -0.41
CA SER B 79 7.52 20.81 -1.03
C SER B 79 6.78 21.90 -1.80
N ASP B 80 7.55 22.72 -2.48
CA ASP B 80 7.05 23.78 -3.35
C ASP B 80 6.23 23.21 -4.51
N ASN B 81 6.74 22.15 -5.14
CA ASN B 81 6.07 21.54 -6.28
C ASN B 81 5.93 20.01 -6.19
N PRO B 82 4.83 19.56 -5.59
CA PRO B 82 4.49 18.13 -5.46
C PRO B 82 4.26 17.53 -6.84
N GLY B 83 4.97 16.46 -7.14
CA GLY B 83 4.88 15.82 -8.43
C GLY B 83 3.46 15.51 -8.85
N LEU B 84 3.18 15.77 -10.11
CA LEU B 84 1.81 15.82 -10.59
C LEU B 84 1.21 14.42 -10.71
N VAL B 85 1.88 13.54 -11.43
CA VAL B 85 1.34 12.19 -11.60
C VAL B 85 1.52 11.31 -10.36
N SER B 86 2.68 11.36 -9.71
CA SER B 86 2.91 10.51 -8.53
C SER B 86 1.88 10.80 -7.41
N HIS B 87 1.61 12.08 -7.16
N HIS B 87 1.63 12.09 -7.16
CA HIS B 87 0.61 12.42 -6.13
CA HIS B 87 0.63 12.53 -6.18
C HIS B 87 -0.79 11.96 -6.52
C HIS B 87 -0.76 11.98 -6.53
N TYR B 88 -1.16 12.18 -7.78
CA TYR B 88 -2.48 11.75 -8.25
C TYR B 88 -2.60 10.23 -8.09
N LEU B 89 -1.58 9.50 -8.51
CA LEU B 89 -1.58 8.05 -8.31
C LEU B 89 -1.73 7.70 -6.83
N HIS B 90 -0.92 8.33 -5.98
CA HIS B 90 -0.98 8.04 -4.56
C HIS B 90 -2.33 8.39 -3.94
N ASN B 91 -2.79 9.61 -4.21
CA ASN B 91 -3.98 10.13 -3.55
C ASN B 91 -5.31 9.75 -4.18
N ASN B 92 -5.34 9.51 -5.49
CA ASN B 92 -6.63 9.44 -6.19
C ASN B 92 -6.92 8.14 -6.90
N VAL B 93 -5.87 7.40 -7.28
CA VAL B 93 -6.06 6.19 -8.05
C VAL B 93 -6.19 5.00 -7.10
N LYS B 94 -7.43 4.59 -6.89
CA LYS B 94 -7.74 3.57 -5.90
C LYS B 94 -7.70 2.17 -6.57
N VAL B 95 -7.61 1.12 -5.76
CA VAL B 95 -7.97 -0.22 -6.22
C VAL B 95 -9.34 -0.12 -6.90
N GLY B 96 -9.46 -0.73 -8.09
CA GLY B 96 -10.68 -0.67 -8.85
C GLY B 96 -10.69 0.48 -9.85
N ASP B 97 -9.74 1.42 -9.78
CA ASP B 97 -9.76 2.52 -10.74
C ASP B 97 -8.89 2.14 -11.94
N SER B 98 -9.12 2.77 -13.09
CA SER B 98 -8.33 2.44 -14.26
C SER B 98 -7.40 3.54 -14.70
N VAL B 99 -6.40 3.16 -15.48
CA VAL B 99 -5.40 4.05 -16.05
C VAL B 99 -5.21 3.55 -17.48
N LYS B 100 -4.49 4.27 -18.32
CA LYS B 100 -4.11 3.74 -19.63
C LYS B 100 -2.65 3.39 -19.55
N LEU B 101 -2.26 2.29 -20.19
CA LEU B 101 -0.92 1.77 -20.03
C LEU B 101 -0.30 1.51 -21.39
N TYR B 102 0.97 1.82 -21.56
CA TYR B 102 1.66 1.61 -22.83
C TYR B 102 2.74 0.54 -22.63
N ALA B 103 2.99 -0.24 -23.67
CA ALA B 103 3.74 -1.52 -23.58
C ALA B 103 5.16 -1.38 -23.04
N PRO B 104 5.68 -2.42 -22.36
CA PRO B 104 7.06 -2.41 -21.87
C PRO B 104 8.06 -2.05 -22.95
N ALA B 105 9.08 -1.29 -22.57
CA ALA B 105 10.15 -0.88 -23.46
C ALA B 105 11.35 -0.50 -22.59
N GLY B 106 12.49 -0.24 -23.23
CA GLY B 106 13.64 0.32 -22.53
C GLY B 106 15.00 -0.29 -22.84
N ASP B 107 16.04 0.53 -22.72
N ASP B 107 16.05 0.51 -22.72
CA ASP B 107 17.42 0.15 -23.07
CA ASP B 107 17.38 0.08 -23.11
C ASP B 107 18.17 -0.52 -21.92
C ASP B 107 18.19 -0.42 -21.91
N PHE B 108 17.55 -0.54 -20.75
CA PHE B 108 18.20 -1.05 -19.55
C PHE B 108 17.47 -2.31 -19.03
N PHE B 109 18.19 -3.43 -18.90
CA PHE B 109 17.59 -4.71 -18.53
C PHE B 109 18.72 -5.73 -18.23
N TYR B 110 18.42 -6.68 -17.37
CA TYR B 110 19.36 -7.75 -17.09
C TYR B 110 19.59 -8.58 -18.36
N VAL B 111 20.84 -8.99 -18.61
CA VAL B 111 21.18 -9.96 -19.66
C VAL B 111 21.98 -11.08 -18.99
N GLU B 112 21.60 -12.32 -19.27
CA GLU B 112 22.25 -13.44 -18.62
C GLU B 112 23.60 -13.67 -19.30
N ARG B 113 24.69 -13.53 -18.56
CA ARG B 113 26.01 -13.71 -19.15
C ARG B 113 26.79 -14.80 -18.41
N GLU B 114 26.05 -15.60 -17.64
CA GLU B 114 26.64 -16.57 -16.70
C GLU B 114 27.85 -16.09 -15.92
N ARG B 115 27.77 -14.87 -15.41
CA ARG B 115 28.79 -14.28 -14.55
C ARG B 115 28.09 -13.88 -13.26
N PRO B 116 28.88 -13.59 -12.21
CA PRO B 116 28.29 -12.98 -11.02
C PRO B 116 27.49 -11.69 -11.32
N VAL B 117 26.56 -11.37 -10.43
CA VAL B 117 25.65 -10.25 -10.65
C VAL B 117 25.62 -9.37 -9.41
N VAL B 118 25.76 -8.07 -9.62
CA VAL B 118 25.67 -7.13 -8.52
C VAL B 118 24.62 -6.08 -8.85
N LEU B 119 23.64 -5.96 -7.95
CA LEU B 119 22.58 -4.97 -8.08
C LEU B 119 22.78 -3.91 -7.02
N ILE B 120 22.83 -2.66 -7.46
CA ILE B 120 23.08 -1.56 -6.55
C ILE B 120 22.04 -0.51 -6.80
N SER B 121 21.37 -0.09 -5.75
CA SER B 121 20.43 1.02 -5.88
C SER B 121 20.28 1.80 -4.61
N ALA B 122 19.56 2.91 -4.73
CA ALA B 122 19.19 3.71 -3.60
C ALA B 122 17.76 4.18 -3.80
N GLY B 123 17.00 4.30 -2.71
CA GLY B 123 15.74 5.01 -2.77
C GLY B 123 14.84 4.26 -3.74
N VAL B 124 14.16 4.97 -4.64
CA VAL B 124 13.17 4.30 -5.48
C VAL B 124 13.87 3.62 -6.67
N GLY B 125 15.18 3.80 -6.76
CA GLY B 125 15.96 3.13 -7.80
C GLY B 125 15.96 1.62 -7.64
N ALA B 126 15.46 1.17 -6.50
CA ALA B 126 15.30 -0.25 -6.22
C ALA B 126 14.32 -0.97 -7.16
N THR B 127 13.40 -0.21 -7.78
N THR B 127 13.40 -0.20 -7.77
CA THR B 127 12.30 -0.79 -8.54
CA THR B 127 12.30 -0.79 -8.53
C THR B 127 12.74 -1.74 -9.68
C THR B 127 12.74 -1.74 -9.66
N PRO B 128 13.63 -1.28 -10.56
CA PRO B 128 14.02 -2.27 -11.58
C PRO B 128 14.86 -3.38 -10.97
N MET B 129 15.60 -3.09 -9.89
CA MET B 129 16.38 -4.15 -9.24
C MET B 129 15.46 -5.25 -8.67
N GLN B 130 14.27 -4.85 -8.21
CA GLN B 130 13.30 -5.83 -7.74
C GLN B 130 12.81 -6.77 -8.84
N ALA B 131 12.61 -6.24 -10.05
CA ALA B 131 12.15 -7.08 -11.17
C ALA B 131 13.24 -8.08 -11.49
N ILE B 132 14.48 -7.61 -11.48
CA ILE B 132 15.62 -8.46 -11.76
C ILE B 132 15.79 -9.52 -10.67
N LEU B 133 15.66 -9.14 -9.40
CA LEU B 133 15.76 -10.14 -8.34
C LEU B 133 14.77 -11.27 -8.48
N HIS B 134 13.49 -10.94 -8.71
CA HIS B 134 12.49 -12.00 -8.79
C HIS B 134 12.75 -12.88 -10.01
N THR B 135 13.30 -12.28 -11.07
CA THR B 135 13.54 -13.02 -12.30
C THR B 135 14.67 -14.01 -12.07
N LEU B 136 15.71 -13.54 -11.42
CA LEU B 136 16.86 -14.37 -11.12
C LEU B 136 16.44 -15.48 -10.16
N ALA B 137 15.55 -15.13 -9.23
CA ALA B 137 15.06 -16.12 -8.27
C ALA B 137 14.35 -17.24 -9.02
N LYS B 138 13.49 -16.89 -9.99
CA LYS B 138 12.81 -17.92 -10.79
C LYS B 138 13.79 -18.72 -11.63
N GLN B 139 14.97 -18.16 -11.88
CA GLN B 139 15.96 -18.85 -12.72
C GLN B 139 16.99 -19.60 -11.84
N ASN B 140 16.87 -19.46 -10.52
CA ASN B 140 17.83 -20.04 -9.56
C ASN B 140 19.28 -19.72 -9.89
N LYS B 141 19.48 -18.48 -10.30
CA LYS B 141 20.79 -17.90 -10.51
C LYS B 141 21.60 -17.92 -9.21
N SER B 142 22.82 -18.46 -9.29
CA SER B 142 23.84 -18.28 -8.26
C SER B 142 24.61 -16.99 -8.46
N GLY B 143 25.34 -16.59 -7.42
CA GLY B 143 26.26 -15.46 -7.50
C GLY B 143 25.60 -14.09 -7.57
N VAL B 144 24.58 -13.86 -6.74
CA VAL B 144 23.88 -12.55 -6.72
C VAL B 144 24.18 -11.73 -5.46
N THR B 145 24.55 -10.48 -5.65
CA THR B 145 24.77 -9.57 -4.52
C THR B 145 23.87 -8.35 -4.68
N TYR B 146 23.23 -7.96 -3.59
CA TYR B 146 22.28 -6.87 -3.62
C TYR B 146 22.69 -5.76 -2.66
N LEU B 147 22.99 -4.60 -3.20
CA LEU B 147 23.51 -3.51 -2.38
C LEU B 147 22.51 -2.36 -2.41
N TYR B 148 22.03 -1.93 -1.26
CA TYR B 148 20.96 -0.95 -1.27
C TYR B 148 21.13 0.16 -0.25
N ALA B 149 20.86 1.40 -0.64
CA ALA B 149 20.96 2.51 0.28
C ALA B 149 19.62 3.29 0.38
N CYS B 150 19.26 3.69 1.59
CA CYS B 150 18.07 4.54 1.79
C CYS B 150 18.30 5.37 3.05
N ASN B 151 17.45 6.37 3.29
CA ASN B 151 17.71 7.35 4.34
C ASN B 151 17.55 6.80 5.74
N SER B 152 16.62 5.87 5.90
CA SER B 152 16.28 5.34 7.19
C SER B 152 15.44 4.07 7.02
N ALA B 153 15.11 3.44 8.13
CA ALA B 153 14.26 2.26 8.14
C ALA B 153 12.90 2.53 7.47
N LYS B 154 12.31 3.68 7.74
CA LYS B 154 10.96 3.93 7.21
C LYS B 154 10.96 4.07 5.69
N GLU B 155 12.12 4.36 5.10
CA GLU B 155 12.22 4.46 3.66
C GLU B 155 12.89 3.22 3.05
N HIS B 156 12.89 2.14 3.81
CA HIS B 156 13.53 0.93 3.33
C HIS B 156 12.57 0.10 2.41
N THR B 157 12.57 0.43 1.14
CA THR B 157 11.62 -0.15 0.18
C THR B 157 11.88 -1.63 -0.12
N PHE B 158 10.81 -2.44 -0.14
CA PHE B 158 10.88 -3.90 -0.30
C PHE B 158 11.70 -4.60 0.78
N ALA B 159 11.77 -4.08 2.00
CA ALA B 159 12.65 -4.70 3.01
C ALA B 159 12.38 -6.21 3.23
N GLN B 160 11.13 -6.54 3.58
CA GLN B 160 10.75 -7.93 3.86
C GLN B 160 10.85 -8.83 2.63
N GLU B 161 10.27 -8.38 1.54
CA GLU B 161 10.24 -9.13 0.28
C GLU B 161 11.66 -9.51 -0.18
N THR B 162 12.54 -8.52 -0.15
CA THR B 162 13.91 -8.74 -0.55
C THR B 162 14.63 -9.73 0.40
N ALA B 163 14.39 -9.57 1.70
CA ALA B 163 15.07 -10.38 2.68
C ALA B 163 14.69 -11.85 2.51
N GLN B 164 13.39 -12.10 2.32
CA GLN B 164 12.94 -13.47 2.10
C GLN B 164 13.59 -14.07 0.87
N LEU B 165 13.62 -13.31 -0.21
CA LEU B 165 14.30 -13.76 -1.45
C LEU B 165 15.78 -14.07 -1.25
N ILE B 166 16.50 -13.19 -0.55
CA ILE B 166 17.94 -13.35 -0.36
C ILE B 166 18.22 -14.64 0.40
N ALA B 167 17.42 -14.89 1.43
CA ALA B 167 17.61 -16.06 2.27
C ALA B 167 17.24 -17.31 1.51
N GLN B 168 16.20 -17.20 0.71
CA GLN B 168 15.65 -18.35 0.03
C GLN B 168 16.64 -18.82 -1.03
N GLN B 169 17.27 -17.88 -1.72
CA GLN B 169 18.11 -18.21 -2.84
C GLN B 169 19.56 -18.37 -2.42
N GLY B 170 19.87 -18.02 -1.18
CA GLY B 170 21.24 -18.09 -0.68
C GLY B 170 22.13 -17.00 -1.23
N TRP B 171 21.55 -15.83 -1.47
CA TRP B 171 22.32 -14.69 -1.94
C TRP B 171 22.84 -13.86 -0.75
N MET B 172 23.40 -12.71 -1.05
CA MET B 172 23.92 -11.80 -0.02
C MET B 172 23.40 -10.39 -0.30
N GLN B 173 23.21 -9.64 0.76
CA GLN B 173 22.82 -8.25 0.63
C GLN B 173 23.48 -7.40 1.69
N GLN B 174 23.53 -6.10 1.42
CA GLN B 174 24.02 -5.14 2.39
C GLN B 174 23.25 -3.85 2.21
N VAL B 175 22.72 -3.34 3.31
CA VAL B 175 21.91 -2.13 3.30
C VAL B 175 22.58 -1.04 4.12
N TRP B 176 22.50 0.19 3.61
CA TRP B 176 22.94 1.37 4.34
C TRP B 176 21.77 2.27 4.69
N TYR B 177 21.63 2.67 5.96
CA TYR B 177 20.75 3.78 6.31
C TYR B 177 21.62 4.99 6.52
N ARG B 178 21.37 6.02 5.72
CA ARG B 178 22.15 7.23 5.79
C ARG B 178 22.00 7.97 7.12
N ASP B 179 20.79 7.99 7.67
CA ASP B 179 20.46 8.89 8.78
C ASP B 179 20.32 8.28 10.17
N GLU B 180 20.46 6.97 10.28
CA GLU B 180 20.33 6.31 11.58
C GLU B 180 20.97 4.94 11.54
N SER B 181 20.95 4.25 12.69
CA SER B 181 21.60 2.96 12.81
C SER B 181 20.59 1.83 12.99
N ALA B 182 20.99 0.62 12.61
CA ALA B 182 20.13 -0.55 12.75
C ALA B 182 21.02 -1.78 12.75
N ASP B 183 20.48 -2.90 13.19
CA ASP B 183 21.22 -4.16 13.18
C ASP B 183 21.42 -4.68 11.74
N ASP B 184 22.62 -5.18 11.46
CA ASP B 184 22.99 -5.67 10.13
C ASP B 184 22.97 -4.57 9.09
N VAL B 185 22.70 -3.34 9.51
CA VAL B 185 22.74 -2.20 8.61
C VAL B 185 23.95 -1.33 8.91
N LEU B 186 24.67 -0.91 7.88
CA LEU B 186 25.70 0.11 8.01
C LEU B 186 25.10 1.52 8.03
N GLN B 187 25.67 2.40 8.84
CA GLN B 187 25.19 3.77 8.89
C GLN B 187 25.99 4.62 7.92
N GLY B 188 25.33 5.56 7.23
CA GLY B 188 26.04 6.47 6.33
C GLY B 188 25.80 6.25 4.85
N GLU B 189 26.60 6.90 4.01
CA GLU B 189 26.53 6.66 2.58
C GLU B 189 27.16 5.31 2.24
N MET B 190 26.71 4.72 1.14
CA MET B 190 27.16 3.39 0.75
C MET B 190 28.68 3.35 0.51
N GLN B 191 29.39 2.54 1.30
CA GLN B 191 30.85 2.39 1.18
C GLN B 191 31.27 1.05 0.60
N LEU B 192 31.87 1.04 -0.59
CA LEU B 192 32.21 -0.21 -1.26
C LEU B 192 33.68 -0.62 -1.27
N ALA B 193 34.38 -0.45 -0.14
CA ALA B 193 35.77 -0.87 -0.07
C ALA B 193 36.01 -2.04 0.88
N GLU B 194 35.20 -2.14 1.94
CA GLU B 194 35.45 -3.15 2.97
C GLU B 194 34.71 -4.47 2.78
N LEU B 195 34.11 -4.67 1.62
CA LEU B 195 33.40 -5.91 1.37
C LEU B 195 33.76 -6.66 0.08
N ILE B 196 33.44 -7.95 0.09
CA ILE B 196 33.78 -8.89 -0.97
C ILE B 196 32.87 -8.70 -2.19
N LEU B 197 33.45 -8.24 -3.29
CA LEU B 197 32.73 -8.09 -4.56
C LEU B 197 33.42 -8.84 -5.71
N PRO B 198 32.62 -9.30 -6.68
CA PRO B 198 33.18 -9.91 -7.90
C PRO B 198 33.66 -8.87 -8.94
N ILE B 199 34.74 -8.13 -8.65
CA ILE B 199 35.18 -7.01 -9.50
C ILE B 199 35.71 -7.41 -10.87
N GLU B 200 36.35 -8.56 -10.93
CA GLU B 200 36.98 -9.02 -12.16
C GLU B 200 35.99 -9.56 -13.20
N ASP B 201 34.86 -10.12 -12.76
CA ASP B 201 33.99 -10.84 -13.69
C ASP B 201 32.50 -10.51 -13.59
N GLY B 202 32.09 -9.83 -12.53
CA GLY B 202 30.68 -9.57 -12.32
C GLY B 202 30.13 -8.54 -13.27
N ASP B 203 28.81 -8.52 -13.43
CA ASP B 203 28.14 -7.41 -14.07
C ASP B 203 27.42 -6.60 -13.00
N PHE B 204 27.68 -5.28 -13.00
CA PHE B 204 27.18 -4.36 -12.00
C PHE B 204 26.06 -3.49 -12.55
N TYR B 205 24.88 -3.59 -11.92
CA TYR B 205 23.67 -2.92 -12.40
C TYR B 205 23.32 -1.83 -11.42
N LEU B 206 23.04 -0.64 -11.94
N LEU B 206 23.07 -0.63 -11.94
CA LEU B 206 22.95 0.53 -11.10
CA LEU B 206 22.94 0.54 -11.09
C LEU B 206 21.69 1.35 -11.36
C LEU B 206 21.68 1.34 -11.36
N CYS B 207 21.05 1.80 -10.30
CA CYS B 207 19.87 2.67 -10.43
C CYS B 207 19.62 3.50 -9.17
N GLY B 208 19.53 4.82 -9.33
CA GLY B 208 19.34 5.73 -8.20
C GLY B 208 19.39 7.19 -8.64
N PRO B 209 19.34 8.14 -7.68
CA PRO B 209 19.65 9.53 -8.03
C PRO B 209 21.02 9.56 -8.66
N ILE B 210 21.22 10.48 -9.60
CA ILE B 210 22.47 10.62 -10.33
C ILE B 210 23.68 10.82 -9.41
N GLY B 211 23.51 11.67 -8.40
CA GLY B 211 24.59 11.91 -7.46
C GLY B 211 25.07 10.63 -6.83
N PHE B 212 24.11 9.83 -6.36
CA PHE B 212 24.40 8.54 -5.77
C PHE B 212 25.16 7.66 -6.75
N MET B 213 24.71 7.65 -8.00
N MET B 213 24.63 7.56 -7.96
CA MET B 213 25.24 6.78 -9.05
CA MET B 213 25.21 6.72 -9.01
C MET B 213 26.58 7.19 -9.65
C MET B 213 26.68 7.08 -9.19
N GLN B 214 26.69 8.45 -10.06
N GLN B 214 26.99 8.38 -9.16
CA GLN B 214 27.90 8.98 -10.69
CA GLN B 214 28.35 8.86 -9.29
C GLN B 214 29.10 8.74 -9.79
C GLN B 214 29.25 8.30 -8.20
N TYR B 215 28.84 8.94 -8.50
N TYR B 215 28.95 8.66 -6.95
CA TYR B 215 29.71 8.53 -7.42
CA TYR B 215 29.71 8.23 -5.79
C TYR B 215 30.13 7.07 -7.63
C TYR B 215 29.93 6.71 -5.72
N VAL B 216 29.16 6.15 -7.67
N VAL B 216 28.89 5.93 -5.98
CA VAL B 216 29.54 4.75 -7.71
CA VAL B 216 29.07 4.48 -5.97
C VAL B 216 30.00 4.27 -9.10
C VAL B 216 29.93 4.00 -7.13
N VAL B 217 29.53 4.92 -10.18
N VAL B 217 29.63 4.46 -8.35
CA VAL B 217 30.04 4.62 -11.53
CA VAL B 217 30.39 4.06 -9.55
C VAL B 217 31.52 4.95 -11.68
C VAL B 217 31.86 4.36 -9.34
N LYS B 218 31.93 6.13 -11.22
N LYS B 218 32.10 5.46 -8.68
CA LYS B 218 33.35 6.48 -11.24
CA LYS B 218 33.47 5.85 -8.44
C LYS B 218 34.12 5.53 -10.33
C LYS B 218 34.11 4.93 -7.39
N GLN B 219 33.45 5.09 -9.25
N GLN B 219 33.35 4.56 -6.37
CA GLN B 219 34.04 4.21 -8.25
CA GLN B 219 33.78 3.52 -5.44
C GLN B 219 34.41 2.82 -8.80
C GLN B 219 34.03 2.21 -6.19
N LEU B 220 33.59 2.31 -9.71
N LEU B 220 33.16 1.93 -7.15
CA LEU B 220 33.82 0.99 -10.25
CA LEU B 220 33.30 0.75 -7.99
C LEU B 220 34.84 1.02 -11.39
C LEU B 220 34.63 0.80 -8.71
N LEU B 221 34.74 2.06 -12.23
N LEU B 221 34.81 1.84 -9.51
CA LEU B 221 35.75 2.33 -13.23
CA LEU B 221 35.99 2.02 -10.33
C LEU B 221 37.12 2.27 -12.56
C LEU B 221 37.25 1.99 -9.49
N ALA B 222 37.25 3.03 -11.47
N ALA B 222 37.08 2.16 -8.18
CA ALA B 222 38.45 3.07 -10.66
CA ALA B 222 38.20 2.08 -7.26
C ALA B 222 38.86 1.69 -10.15
C ALA B 222 38.87 0.70 -7.23
N LEU B 223 37.92 0.96 -9.57
N LEU B 223 38.27 -0.25 -7.95
CA LEU B 223 38.22 -0.36 -8.99
CA LEU B 223 38.96 -1.49 -8.28
C LEU B 223 38.64 -1.44 -10.00
C LEU B 223 38.83 -1.85 -9.77
N GLY B 224 38.59 -1.12 -11.29
N GLY B 224 38.63 -0.82 -10.60
CA GLY B 224 39.06 -2.06 -12.31
CA GLY B 224 38.63 -0.96 -12.05
C GLY B 224 37.99 -2.67 -13.20
C GLY B 224 37.69 -2.00 -12.63
N VAL B 225 36.73 -2.57 -12.77
N VAL B 225 36.43 -1.62 -12.85
CA VAL B 225 35.60 -3.00 -13.57
CA VAL B 225 35.48 -2.45 -13.55
C VAL B 225 35.62 -2.25 -14.91
C VAL B 225 35.32 -1.94 -14.98
N ASP B 226 35.49 -2.95 -16.03
N ASP B 226 35.43 -2.83 -15.96
CA ASP B 226 35.37 -2.22 -17.30
CA ASP B 226 35.23 -2.42 -17.37
C ASP B 226 33.94 -1.76 -17.58
C ASP B 226 33.86 -1.75 -17.54
N LYS B 227 33.86 -0.56 -18.13
CA LYS B 227 32.59 0.12 -18.39
C LYS B 227 31.60 -0.75 -19.16
N ALA B 228 32.12 -1.69 -19.93
CA ALA B 228 31.26 -2.64 -20.62
C ALA B 228 30.54 -3.55 -19.62
N ARG B 229 31.00 -3.56 -18.37
CA ARG B 229 30.39 -4.39 -17.30
C ARG B 229 29.62 -3.55 -16.26
N ILE B 230 29.38 -2.29 -16.58
CA ILE B 230 28.59 -1.44 -15.73
C ILE B 230 27.37 -0.94 -16.48
N HIS B 231 26.20 -1.20 -15.93
CA HIS B 231 24.95 -0.91 -16.61
C HIS B 231 24.05 -0.12 -15.67
N TYR B 232 23.44 0.93 -16.19
CA TYR B 232 22.74 1.82 -15.30
C TYR B 232 21.52 2.46 -15.94
N GLU B 233 20.54 2.73 -15.08
CA GLU B 233 19.30 3.37 -15.47
C GLU B 233 19.14 4.69 -14.69
N VAL B 234 18.54 5.68 -15.34
CA VAL B 234 18.29 6.96 -14.71
C VAL B 234 16.81 7.28 -14.86
N PHE B 235 16.19 7.79 -13.81
CA PHE B 235 14.77 8.13 -13.85
C PHE B 235 14.65 9.55 -14.36
N GLY B 236 15.37 9.83 -15.44
CA GLY B 236 15.48 11.18 -15.97
C GLY B 236 16.71 11.80 -15.36
N PRO B 237 16.98 13.08 -15.67
CA PRO B 237 18.18 13.76 -15.16
C PRO B 237 17.98 14.29 -13.74
N HIS B 238 17.75 13.39 -12.80
CA HIS B 238 17.69 13.76 -11.39
C HIS B 238 18.38 12.71 -10.54
PA FAD C . -4.13 11.41 18.51
O1A FAD C . -4.71 10.70 19.61
O2A FAD C . -2.77 11.81 18.48
O5B FAD C . -4.95 12.71 18.34
C5B FAD C . -6.32 12.75 18.64
C4B FAD C . -6.99 14.06 18.26
O4B FAD C . -6.63 15.10 19.14
C3B FAD C . -6.55 14.47 16.89
O3B FAD C . -7.62 15.11 16.26
C2B FAD C . -5.47 15.47 17.14
O2B FAD C . -5.48 16.37 16.08
C1B FAD C . -5.87 16.08 18.46
N9A FAD C . -4.67 16.38 19.23
C8A FAD C . -3.63 15.59 19.42
N7A FAD C . -2.68 16.20 20.15
C5A FAD C . -3.13 17.41 20.40
C6A FAD C . -2.60 18.57 21.12
N6A FAD C . -1.40 18.53 21.72
N1A FAD C . -3.36 19.64 21.14
C2A FAD C . -4.54 19.67 20.56
N3A FAD C . -5.08 18.67 19.90
C4A FAD C . -4.43 17.53 19.78
N1 FAD C . -9.65 4.58 13.91
C2 FAD C . -9.44 4.04 12.71
O2 FAD C . -8.68 4.61 11.95
N3 FAD C . -9.97 2.91 12.31
C4 FAD C . -10.77 2.22 13.06
O4 FAD C . -11.22 1.19 12.63
C4X FAD C . -11.08 2.75 14.38
N5 FAD C . -11.89 2.13 15.21
C5X FAD C . -12.17 2.63 16.40
C6 FAD C . -13.02 1.94 17.21
C7 FAD C . -13.34 2.44 18.43
C7M FAD C . -14.27 1.70 19.32
C8 FAD C . -12.76 3.69 18.89
C8M FAD C . -13.11 4.19 20.25
C9 FAD C . -11.89 4.38 18.09
C9A FAD C . -11.58 3.90 16.85
N10 FAD C . -10.72 4.58 16.01
C10 FAD C . -10.46 4.02 14.76
C1' FAD C . -10.09 5.82 16.45
C2' FAD C . -8.63 5.55 16.83
O2' FAD C . -8.50 4.68 17.93
C3' FAD C . -7.80 6.75 17.22
O3' FAD C . -8.45 7.52 18.19
C4' FAD C . -7.33 7.59 16.06
O4' FAD C . -6.61 6.76 15.17
C5' FAD C . -6.46 8.79 16.47
O5' FAD C . -5.28 8.44 17.13
P FAD C . -3.94 9.17 16.91
O1P FAD C . -3.05 8.66 17.91
O2P FAD C . -3.58 9.02 15.55
O3P FAD C . -4.33 10.64 17.18
CL CL D . 9.89 -4.11 13.67
S SO4 E . -4.52 -9.09 25.63
O1 SO4 E . -3.74 -8.46 26.70
O2 SO4 E . -4.40 -10.53 25.72
O3 SO4 E . -5.92 -8.71 25.72
O4 SO4 E . -3.99 -8.73 24.32
S SO4 F . -24.63 -1.14 20.86
O1 SO4 F . -25.55 -0.10 20.41
O2 SO4 F . -23.72 -0.60 21.88
O3 SO4 F . -25.39 -2.26 21.41
O4 SO4 F . -23.85 -1.63 19.73
CL CL G . -31.28 -10.42 21.14
C1 GOL H . -31.83 -13.35 5.04
O1 GOL H . -31.20 -14.63 4.86
C2 GOL H . -32.88 -13.36 6.15
O2 GOL H . -32.33 -13.98 7.31
C3 GOL H . -33.39 -11.93 6.47
O3 GOL H . -33.65 -11.11 5.34
CL CL I . -19.07 12.86 4.76
C1 GOL J . 10.95 4.29 12.64
O1 GOL J . 11.45 3.66 11.48
C2 GOL J . 11.22 3.38 13.82
O2 GOL J . 10.86 2.07 13.44
C3 GOL J . 10.38 3.81 15.02
O3 GOL J . 11.07 4.69 15.90
C1 GOL K . -10.91 12.90 -10.47
O1 GOL K . -9.98 13.31 -11.45
C2 GOL K . -10.32 11.78 -9.62
O2 GOL K . -11.11 10.60 -9.68
C3 GOL K . -10.38 12.26 -8.19
O3 GOL K . -10.67 11.17 -7.37
PA FAD L . 6.19 16.09 -12.22
O1A FAD L . 6.39 15.71 -13.59
O2A FAD L . 5.09 16.92 -11.83
O5B FAD L . 7.46 16.83 -11.82
C5B FAD L . 7.82 16.93 -10.47
C4B FAD L . 8.64 18.17 -10.19
O4B FAD L . 9.92 17.81 -9.72
C3B FAD L . 8.90 18.98 -11.44
O3B FAD L . 8.93 20.36 -11.10
C2B FAD L . 10.25 18.55 -11.91
O2B FAD L . 11.00 19.67 -12.32
C1B FAD L . 10.89 17.85 -10.75
N9A FAD L . 10.99 16.46 -11.19
C8A FAD L . 10.41 16.03 -12.31
N7A FAD L . 10.63 14.72 -12.50
C5A FAD L . 11.38 14.29 -11.47
C6A FAD L . 11.94 13.01 -11.06
N6A FAD L . 11.75 11.92 -11.83
N1A FAD L . 12.65 12.98 -9.91
C2A FAD L . 12.83 14.07 -9.16
N3A FAD L . 12.34 15.25 -9.49
C4A FAD L . 11.60 15.43 -10.60
N1 FAD L . 9.42 6.85 -10.67
C2 FAD L . 9.10 5.98 -9.74
O2 FAD L . 8.59 6.37 -8.72
N3 FAD L . 9.30 4.68 -9.84
C4 FAD L . 9.82 4.14 -10.89
O4 FAD L . 9.99 2.95 -10.98
C4X FAD L . 10.22 5.01 -11.97
N5 FAD L . 10.79 4.50 -13.04
C5X FAD L . 11.12 5.32 -14.01
C6 FAD L . 11.71 4.80 -15.12
C7 FAD L . 12.09 5.61 -16.16
C7M FAD L . 12.71 5.00 -17.35
C8 FAD L . 11.88 7.05 -16.07
C8M FAD L . 12.29 7.91 -17.20
C9 FAD L . 11.30 7.59 -14.95
C9A FAD L . 10.92 6.77 -13.91
N10 FAD L . 10.34 7.31 -12.78
C10 FAD L . 9.99 6.43 -11.79
C1' FAD L . 10.10 8.71 -12.67
C2' FAD L . 8.70 9.03 -13.17
O2' FAD L . 8.57 8.77 -14.54
C3' FAD L . 8.24 10.48 -12.97
O3' FAD L . 9.10 11.42 -13.59
C4' FAD L . 8.02 10.85 -11.52
O4' FAD L . 7.04 10.04 -10.96
C5' FAD L . 7.60 12.29 -11.29
O5' FAD L . 6.45 12.62 -12.03
P FAD L . 5.38 13.57 -11.45
O1P FAD L . 4.35 13.83 -12.45
O2P FAD L . 5.01 13.15 -10.15
O3P FAD L . 6.20 14.88 -11.23
C1 GOL M . 22.86 -4.40 -20.20
O1 GOL M . 22.83 -5.76 -19.80
C2 GOL M . 21.59 -3.94 -20.94
O2 GOL M . 21.25 -2.63 -20.58
C3 GOL M . 21.83 -3.97 -22.45
O3 GOL M . 22.31 -5.23 -22.85
C1 GOL N . 6.21 2.52 -22.81
O1 GOL N . 7.08 1.73 -22.00
C2 GOL N . 6.73 3.93 -23.18
O2 GOL N . 6.25 4.88 -22.24
C3 GOL N . 6.24 4.35 -24.58
O3 GOL N . 5.68 5.65 -24.57
CL CL O . 16.57 13.86 1.11
CL CL P . 14.67 8.27 -4.31
#